data_7DPK
#
_entry.id   7DPK
#
_cell.length_a   119.027
_cell.length_b   119.027
_cell.length_c   38.919
_cell.angle_alpha   90.000
_cell.angle_beta   90.000
_cell.angle_gamma   120.000
#
_symmetry.space_group_name_H-M   'P 61'
#
loop_
_entity.id
_entity.type
_entity.pdbx_description
1 polymer 'Guanosine deaminase'
2 non-polymer 2,3-dihydroxanthosine
3 non-polymer 'ZINC ION'
4 water water
#
_entity_poly.entity_id   1
_entity_poly.type   'polypeptide(L)'
_entity_poly.pdbx_seq_one_letter_code
;GPHMSDHKFLTQAVEEAYKGVDCGDGGPFGAVIVHNNEVVASCHNMVLKYTDPTAHAEVTAIREACKKLNKIELSECEIY
ASCEPCPMCFGAIHLSRLKRLVYGAKAEAAIAIGFDDFIADALRGTGVYQKSSLEIKKADGNGAAIAEQVFQNTKEKFRL
Y
;
_entity_poly.pdbx_strand_id   A,D
#
loop_
_chem_comp.id
_chem_comp.type
_chem_comp.name
_chem_comp.formula
4UO non-polymer 2,3-dihydroxanthosine 'C10 H12 N4 O6'
ZN non-polymer 'ZINC ION' 'Zn 2'
#
# COMPACT_ATOMS: atom_id res chain seq x y z
N SER A 5 20.25 2.75 19.87
CA SER A 5 19.73 3.63 18.82
C SER A 5 18.29 3.30 18.48
N ASP A 6 17.94 2.01 18.63
CA ASP A 6 16.57 1.58 18.30
C ASP A 6 15.53 2.29 19.16
N HIS A 7 15.82 2.41 20.47
CA HIS A 7 14.84 3.02 21.37
C HIS A 7 14.60 4.48 21.02
N LYS A 8 15.65 5.21 20.63
CA LYS A 8 15.50 6.62 20.30
C LYS A 8 14.54 6.81 19.13
N PHE A 9 14.75 6.07 18.05
CA PHE A 9 13.93 6.25 16.85
C PHE A 9 12.52 5.68 17.04
N LEU A 10 12.40 4.60 17.79
CA LEU A 10 11.06 4.09 18.12
C LEU A 10 10.30 5.10 18.98
N THR A 11 10.99 5.74 19.92
CA THR A 11 10.37 6.79 20.73
C THR A 11 9.94 7.96 19.87
N GLN A 12 10.76 8.31 18.87
CA GLN A 12 10.37 9.38 17.96
C GLN A 12 9.13 9.01 17.15
N ALA A 13 9.02 7.75 16.73
CA ALA A 13 7.82 7.30 16.04
C ALA A 13 6.59 7.40 16.95
N VAL A 14 6.75 7.01 18.22
CA VAL A 14 5.66 7.12 19.18
C VAL A 14 5.26 8.58 19.37
N GLU A 15 6.24 9.47 19.45
CA GLU A 15 5.97 10.91 19.55
C GLU A 15 5.21 11.40 18.32
N GLU A 16 5.58 10.90 17.14
CA GLU A 16 4.85 11.28 15.93
C GLU A 16 3.40 10.83 16.01
N ALA A 17 3.16 9.63 16.52
CA ALA A 17 1.79 9.15 16.71
C ALA A 17 0.99 10.11 17.60
N TYR A 18 1.58 10.47 18.74
CA TYR A 18 0.91 11.40 19.65
C TYR A 18 0.64 12.74 18.98
N LYS A 19 1.64 13.27 18.26
CA LYS A 19 1.50 14.55 17.59
C LYS A 19 0.39 14.50 16.55
N GLY A 20 0.31 13.41 15.79
CA GLY A 20 -0.71 13.29 14.76
C GLY A 20 -2.10 13.22 15.36
N VAL A 21 -2.26 12.50 16.47
CA VAL A 21 -3.56 12.51 17.15
C VAL A 21 -3.90 13.91 17.63
N ASP A 22 -2.93 14.61 18.21
CA ASP A 22 -3.20 15.95 18.72
C ASP A 22 -3.51 16.94 17.61
N CYS A 23 -2.96 16.72 16.41
CA CYS A 23 -3.21 17.61 15.28
C CYS A 23 -4.53 17.36 14.59
N GLY A 24 -5.13 16.19 14.80
CA GLY A 24 -6.25 15.79 13.98
C GLY A 24 -5.86 15.28 12.61
N ASP A 25 -4.58 14.96 12.41
CA ASP A 25 -4.13 14.46 11.12
C ASP A 25 -4.63 13.05 10.86
N GLY A 26 -4.73 12.23 11.89
CA GLY A 26 -5.17 10.85 11.71
C GLY A 26 -5.10 10.09 13.03
N GLY A 27 -4.85 8.79 12.91
CA GLY A 27 -4.80 7.93 14.07
C GLY A 27 -3.44 7.95 14.74
N PRO A 28 -3.35 7.26 15.89
CA PRO A 28 -2.12 7.23 16.70
C PRO A 28 -1.07 6.29 16.14
N PHE A 29 -0.45 6.69 15.03
CA PHE A 29 0.55 5.87 14.36
C PHE A 29 1.67 6.78 13.85
N GLY A 30 2.92 6.36 14.10
CA GLY A 30 4.06 7.11 13.64
C GLY A 30 5.07 6.20 12.97
N ALA A 31 5.93 6.81 12.16
CA ALA A 31 6.94 6.06 11.42
C ALA A 31 8.14 6.96 11.16
N VAL A 32 9.34 6.45 11.45
CA VAL A 32 10.58 7.19 11.28
C VAL A 32 11.51 6.35 10.41
N ILE A 33 11.98 6.93 9.30
CA ILE A 33 12.92 6.28 8.41
C ILE A 33 14.29 6.92 8.60
N VAL A 34 15.30 6.07 8.81
CA VAL A 34 16.64 6.45 9.22
C VAL A 34 17.64 5.92 8.21
N HIS A 35 18.67 6.71 7.90
CA HIS A 35 19.79 6.25 7.09
C HIS A 35 21.08 6.49 7.87
N ASN A 36 21.65 5.41 8.40
CA ASN A 36 22.94 5.45 9.11
C ASN A 36 22.92 6.52 10.20
N ASN A 37 21.95 6.36 11.11
CA ASN A 37 21.71 7.20 12.28
C ASN A 37 21.16 8.58 11.95
N GLU A 38 21.01 8.93 10.68
CA GLU A 38 20.42 10.19 10.29
C GLU A 38 18.94 9.99 9.97
N VAL A 39 18.08 10.81 10.56
CA VAL A 39 16.65 10.68 10.32
C VAL A 39 16.34 11.22 8.93
N VAL A 40 15.82 10.35 8.06
CA VAL A 40 15.44 10.74 6.72
C VAL A 40 13.98 11.17 6.64
N ALA A 41 13.10 10.59 7.45
CA ALA A 41 11.70 10.98 7.45
C ALA A 41 11.11 10.71 8.83
N SER A 42 10.22 11.58 9.28
CA SER A 42 9.52 11.40 10.54
C SER A 42 8.07 11.81 10.32
N CYS A 43 7.17 10.84 10.35
CA CYS A 43 5.80 11.08 9.90
C CYS A 43 4.82 10.41 10.85
N HIS A 44 3.56 10.81 10.72
CA HIS A 44 2.46 10.13 11.39
C HIS A 44 1.36 9.90 10.38
N ASN A 45 0.31 9.20 10.82
CA ASN A 45 -0.85 8.94 9.97
C ASN A 45 -1.47 10.25 9.51
N MET A 46 -1.75 10.33 8.20
CA MET A 46 -2.30 11.53 7.58
C MET A 46 -3.60 11.25 6.84
N VAL A 47 -4.32 10.21 7.27
CA VAL A 47 -5.53 9.80 6.55
C VAL A 47 -6.57 10.92 6.55
N LEU A 48 -6.79 11.52 7.72
CA LEU A 48 -7.86 12.51 7.84
C LEU A 48 -7.47 13.83 7.19
N LYS A 49 -6.19 14.23 7.30
CA LYS A 49 -5.78 15.50 6.73
C LYS A 49 -5.76 15.46 5.20
N TYR A 50 -5.30 14.35 4.64
CA TYR A 50 -5.16 14.23 3.19
C TYR A 50 -6.40 13.66 2.51
N THR A 51 -7.40 13.21 3.28
CA THR A 51 -8.52 12.43 2.76
C THR A 51 -8.00 11.29 1.88
N ASP A 52 -7.09 10.51 2.47
CA ASP A 52 -6.34 9.48 1.75
C ASP A 52 -6.20 8.26 2.67
N PRO A 53 -6.98 7.21 2.42
CA PRO A 53 -6.90 6.01 3.28
C PRO A 53 -5.58 5.26 3.13
N THR A 54 -4.78 5.56 2.11
CA THR A 54 -3.46 4.97 1.98
C THR A 54 -2.38 5.76 2.71
N ALA A 55 -2.73 6.91 3.28
CA ALA A 55 -1.75 7.78 3.92
C ALA A 55 -1.48 7.34 5.36
N HIS A 56 -1.19 6.06 5.56
CA HIS A 56 -0.75 5.58 6.85
C HIS A 56 0.63 6.18 7.17
N ALA A 57 1.05 6.03 8.43
CA ALA A 57 2.32 6.61 8.85
C ALA A 57 3.48 6.05 8.05
N GLU A 58 3.49 4.73 7.84
CA GLU A 58 4.61 4.10 7.14
C GLU A 58 4.64 4.51 5.66
N VAL A 59 3.49 4.55 5.00
CA VAL A 59 3.44 4.94 3.60
C VAL A 59 3.85 6.40 3.44
N THR A 60 3.35 7.26 4.33
CA THR A 60 3.73 8.67 4.30
C THR A 60 5.24 8.83 4.48
N ALA A 61 5.81 8.08 5.43
CA ALA A 61 7.24 8.17 5.67
C ALA A 61 8.03 7.70 4.45
N ILE A 62 7.58 6.63 3.81
CA ILE A 62 8.28 6.14 2.62
C ILE A 62 8.23 7.19 1.51
N ARG A 63 7.05 7.77 1.29
CA ARG A 63 6.92 8.83 0.29
C ARG A 63 7.90 9.96 0.56
N GLU A 64 7.95 10.43 1.80
CA GLU A 64 8.77 11.59 2.13
C GLU A 64 10.26 11.26 2.03
N ALA A 65 10.65 10.07 2.48
CA ALA A 65 12.04 9.66 2.39
C ALA A 65 12.47 9.52 0.93
N CYS A 66 11.60 8.96 0.09
CA CYS A 66 11.93 8.81 -1.33
C CYS A 66 12.05 10.18 -2.00
N LYS A 67 11.20 11.13 -1.61
CA LYS A 67 11.31 12.46 -2.19
C LYS A 67 12.58 13.18 -1.71
N LYS A 68 12.95 12.99 -0.45
CA LYS A 68 14.13 13.67 0.09
C LYS A 68 15.40 13.09 -0.51
N LEU A 69 15.50 11.77 -0.57
CA LEU A 69 16.63 11.10 -1.20
C LEU A 69 16.50 11.01 -2.71
N ASN A 70 15.36 11.44 -3.26
CA ASN A 70 15.09 11.43 -4.70
C ASN A 70 15.43 10.09 -5.34
N LYS A 71 14.97 9.01 -4.69
CA LYS A 71 15.11 7.67 -5.25
C LYS A 71 13.95 6.83 -4.75
N ILE A 72 13.59 5.81 -5.54
CA ILE A 72 12.41 4.99 -5.24
C ILE A 72 12.75 3.75 -4.43
N GLU A 73 14.00 3.58 -4.04
CA GLU A 73 14.41 2.45 -3.21
C GLU A 73 15.20 2.98 -2.02
N LEU A 74 15.00 2.34 -0.86
CA LEU A 74 15.68 2.76 0.36
C LEU A 74 16.49 1.60 0.93
N SER A 75 17.37 1.04 0.10
CA SER A 75 18.02 -0.22 0.43
C SER A 75 18.87 -0.15 1.70
N GLU A 76 19.45 1.02 1.98
CA GLU A 76 20.31 1.17 3.15
C GLU A 76 19.60 1.85 4.31
N CYS A 77 18.29 2.01 4.24
CA CYS A 77 17.52 2.68 5.27
C CYS A 77 16.75 1.69 6.13
N GLU A 78 16.41 2.12 7.33
CA GLU A 78 15.62 1.34 8.27
C GLU A 78 14.37 2.13 8.64
N ILE A 79 13.32 1.41 9.03
CA ILE A 79 12.05 2.03 9.38
C ILE A 79 11.65 1.59 10.78
N TYR A 80 11.19 2.55 11.58
CA TYR A 80 10.69 2.33 12.93
C TYR A 80 9.22 2.72 12.94
N ALA A 81 8.36 1.76 13.26
CA ALA A 81 6.92 1.96 13.28
C ALA A 81 6.42 1.84 14.71
N SER A 82 5.63 2.82 15.16
CA SER A 82 5.09 2.76 16.52
C SER A 82 4.18 1.56 16.70
N CYS A 83 3.53 1.10 15.63
CA CYS A 83 2.66 -0.06 15.68
C CYS A 83 2.95 -0.96 14.49
N GLU A 84 2.73 -2.26 14.68
CA GLU A 84 2.96 -3.27 13.66
C GLU A 84 2.34 -2.86 12.33
N PRO A 85 3.13 -2.76 11.26
CA PRO A 85 2.57 -2.31 9.97
C PRO A 85 1.52 -3.26 9.44
N CYS A 86 0.47 -2.69 8.85
CA CYS A 86 -0.62 -3.43 8.25
C CYS A 86 -0.16 -4.08 6.94
N PRO A 87 -1.00 -4.92 6.33
CA PRO A 87 -0.64 -5.51 5.02
C PRO A 87 -0.22 -4.50 3.97
N MET A 88 -0.96 -3.39 3.82
CA MET A 88 -0.58 -2.36 2.86
C MET A 88 0.80 -1.81 3.15
N CYS A 89 1.03 -1.42 4.41
CA CYS A 89 2.28 -0.76 4.75
C CYS A 89 3.46 -1.71 4.70
N PHE A 90 3.23 -2.97 5.07
CA PHE A 90 4.29 -3.96 4.93
C PHE A 90 4.60 -4.24 3.47
N GLY A 91 3.58 -4.23 2.60
CA GLY A 91 3.84 -4.33 1.18
C GLY A 91 4.64 -3.14 0.65
N ALA A 92 4.32 -1.94 1.15
CA ALA A 92 5.08 -0.76 0.76
C ALA A 92 6.52 -0.83 1.25
N ILE A 93 6.73 -1.36 2.46
CA ILE A 93 8.07 -1.56 2.99
C ILE A 93 8.83 -2.57 2.13
N HIS A 94 8.14 -3.63 1.69
CA HIS A 94 8.72 -4.57 0.74
C HIS A 94 9.16 -3.86 -0.54
N LEU A 95 8.25 -3.09 -1.14
CA LEU A 95 8.52 -2.46 -2.43
C LEU A 95 9.63 -1.42 -2.34
N SER A 96 9.72 -0.70 -1.22
CA SER A 96 10.77 0.30 -1.03
C SER A 96 12.11 -0.33 -0.66
N ARG A 97 12.15 -1.65 -0.47
CA ARG A 97 13.38 -2.40 -0.20
C ARG A 97 14.08 -1.93 1.07
N LEU A 98 13.32 -1.41 2.03
CA LEU A 98 13.89 -1.11 3.33
C LEU A 98 14.49 -2.37 3.95
N LYS A 99 15.69 -2.26 4.49
CA LYS A 99 16.44 -3.41 4.93
C LYS A 99 16.10 -3.86 6.35
N ARG A 100 15.42 -3.03 7.13
CA ARG A 100 15.12 -3.39 8.51
C ARG A 100 13.90 -2.63 8.99
N LEU A 101 13.04 -3.34 9.73
CA LEU A 101 11.86 -2.77 10.34
C LEU A 101 11.88 -3.09 11.83
N VAL A 102 11.76 -2.06 12.66
CA VAL A 102 11.60 -2.21 14.09
C VAL A 102 10.23 -1.63 14.44
N TYR A 103 9.37 -2.44 15.04
CA TYR A 103 8.04 -1.95 15.41
C TYR A 103 7.78 -2.16 16.89
N GLY A 104 6.97 -1.26 17.45
CA GLY A 104 6.77 -1.21 18.88
C GLY A 104 5.62 -2.06 19.41
N ALA A 105 4.41 -1.77 18.98
CA ALA A 105 3.22 -2.43 19.50
C ALA A 105 2.69 -3.46 18.50
N LYS A 106 2.23 -4.59 19.03
CA LYS A 106 1.55 -5.57 18.20
C LYS A 106 0.23 -5.01 17.69
N ALA A 107 -0.22 -5.54 16.55
CA ALA A 107 -1.43 -5.01 15.92
C ALA A 107 -2.65 -5.16 16.81
N GLU A 108 -2.64 -6.13 17.72
CA GLU A 108 -3.78 -6.33 18.62
C GLU A 108 -4.01 -5.11 19.50
N ALA A 109 -2.96 -4.36 19.83
CA ALA A 109 -3.12 -3.14 20.61
C ALA A 109 -4.01 -2.14 19.89
N ALA A 110 -3.84 -2.01 18.57
CA ALA A 110 -4.69 -1.12 17.79
C ALA A 110 -6.08 -1.72 17.57
N ILE A 111 -6.14 -3.04 17.35
CA ILE A 111 -7.43 -3.69 17.13
C ILE A 111 -8.31 -3.57 18.37
N ALA A 112 -7.71 -3.54 19.55
CA ALA A 112 -8.48 -3.52 20.79
C ALA A 112 -9.24 -2.22 21.00
N ILE A 113 -8.90 -1.15 20.27
CA ILE A 113 -9.59 0.12 20.43
C ILE A 113 -10.36 0.51 19.17
N GLY A 114 -10.64 -0.46 18.30
CA GLY A 114 -11.59 -0.26 17.21
C GLY A 114 -11.06 -0.45 15.81
N PHE A 115 -9.76 -0.62 15.60
CA PHE A 115 -9.25 -0.71 14.24
C PHE A 115 -9.44 -2.12 13.69
N ASP A 116 -9.39 -2.21 12.36
CA ASP A 116 -9.63 -3.46 11.65
C ASP A 116 -8.69 -4.56 12.12
N ASP A 117 -9.22 -5.78 12.20
CA ASP A 117 -8.37 -6.96 12.29
C ASP A 117 -7.76 -7.18 10.91
N PHE A 118 -6.64 -6.51 10.65
CA PHE A 118 -6.03 -6.35 9.33
C PHE A 118 -4.54 -6.55 9.55
N ILE A 119 -4.09 -7.80 9.47
CA ILE A 119 -2.76 -8.21 9.91
C ILE A 119 -2.00 -8.81 8.74
N ALA A 120 -0.70 -8.47 8.65
CA ALA A 120 0.14 -8.89 7.53
C ALA A 120 0.76 -10.24 7.83
N ASP A 121 0.39 -11.25 7.03
CA ASP A 121 0.97 -12.59 7.19
C ASP A 121 2.48 -12.57 6.99
N ALA A 122 2.96 -11.83 5.97
CA ALA A 122 4.39 -11.85 5.66
C ALA A 122 5.22 -11.29 6.79
N LEU A 123 4.65 -10.38 7.59
CA LEU A 123 5.39 -9.85 8.74
C LEU A 123 5.52 -10.88 9.84
N ARG A 124 4.44 -11.60 10.14
CA ARG A 124 4.42 -12.56 11.23
C ARG A 124 4.99 -13.92 10.83
N GLY A 125 5.44 -14.07 9.58
CA GLY A 125 6.05 -15.31 9.15
C GLY A 125 5.11 -16.34 8.57
N THR A 126 3.85 -15.97 8.29
CA THR A 126 2.88 -16.89 7.73
C THR A 126 2.53 -16.57 6.28
N GLY A 127 3.32 -15.75 5.61
CA GLY A 127 3.11 -15.51 4.20
C GLY A 127 3.55 -16.69 3.36
N VAL A 128 2.82 -16.91 2.27
CA VAL A 128 3.14 -17.96 1.31
C VAL A 128 3.48 -17.38 -0.06
N TYR A 129 2.60 -16.55 -0.61
CA TYR A 129 2.89 -15.88 -1.87
C TYR A 129 3.70 -14.61 -1.70
N GLN A 130 3.67 -14.00 -0.51
CA GLN A 130 4.47 -12.83 -0.21
C GLN A 130 5.65 -13.27 0.64
N LYS A 131 6.85 -13.17 0.07
CA LYS A 131 8.08 -13.60 0.72
C LYS A 131 8.93 -12.37 1.01
N SER A 132 8.91 -11.92 2.26
CA SER A 132 9.74 -10.81 2.70
C SER A 132 11.05 -11.35 3.25
N SER A 133 12.14 -10.63 2.97
CA SER A 133 13.46 -11.01 3.45
C SER A 133 14.08 -9.99 4.40
N LEU A 134 13.40 -8.86 4.64
CA LEU A 134 13.97 -7.83 5.50
C LEU A 134 13.98 -8.27 6.96
N GLU A 135 14.94 -7.73 7.70
CA GLU A 135 15.03 -8.01 9.14
C GLU A 135 13.88 -7.33 9.86
N ILE A 136 13.25 -8.04 10.79
CA ILE A 136 12.11 -7.54 11.53
C ILE A 136 12.37 -7.74 13.02
N LYS A 137 12.28 -6.65 13.78
CA LYS A 137 12.42 -6.68 15.23
C LYS A 137 11.16 -6.13 15.87
N LYS A 138 10.56 -6.93 16.75
CA LYS A 138 9.47 -6.48 17.60
C LYS A 138 10.05 -5.98 18.92
N ALA A 139 9.68 -4.77 19.31
CA ALA A 139 10.29 -4.12 20.46
C ALA A 139 9.96 -4.85 21.75
N ASP A 140 10.90 -4.77 22.69
CA ASP A 140 10.77 -5.35 24.02
C ASP A 140 10.80 -4.24 25.06
N GLY A 141 10.53 -4.63 26.32
CA GLY A 141 10.80 -3.77 27.45
C GLY A 141 10.14 -2.40 27.36
N ASN A 142 10.96 -1.36 27.55
CA ASN A 142 10.43 0.01 27.63
C ASN A 142 9.83 0.44 26.30
N GLY A 143 10.43 0.03 25.18
CA GLY A 143 9.89 0.37 23.88
C GLY A 143 8.51 -0.20 23.67
N ALA A 144 8.35 -1.50 23.95
CA ALA A 144 7.04 -2.12 23.88
C ALA A 144 6.06 -1.45 24.82
N ALA A 145 6.52 -1.08 26.03
CA ALA A 145 5.65 -0.43 26.99
C ALA A 145 5.10 0.88 26.46
N ILE A 146 5.97 1.76 25.96
CA ILE A 146 5.48 3.06 25.48
C ILE A 146 4.63 2.89 24.22
N ALA A 147 5.02 1.99 23.32
CA ALA A 147 4.25 1.78 22.10
C ALA A 147 2.85 1.26 22.41
N GLU A 148 2.73 0.31 23.34
CA GLU A 148 1.41 -0.17 23.73
C GLU A 148 0.62 0.92 24.45
N GLN A 149 1.30 1.71 25.29
CA GLN A 149 0.62 2.75 26.03
C GLN A 149 0.03 3.81 25.12
N VAL A 150 0.60 3.97 23.93
CA VAL A 150 0.03 4.90 22.94
C VAL A 150 -1.48 4.72 22.83
N PHE A 151 -1.92 3.47 22.70
CA PHE A 151 -3.34 3.23 22.42
C PHE A 151 -4.22 3.41 23.64
N GLN A 152 -3.69 3.21 24.85
CA GLN A 152 -4.45 3.54 26.05
C GLN A 152 -4.58 5.05 26.21
N ASN A 153 -3.52 5.79 25.91
CA ASN A 153 -3.53 7.23 26.13
C ASN A 153 -4.37 7.98 25.12
N THR A 154 -4.50 7.44 23.90
CA THR A 154 -5.18 8.15 22.82
C THR A 154 -6.61 7.68 22.59
N LYS A 155 -7.12 6.77 23.44
CA LYS A 155 -8.51 6.36 23.33
C LYS A 155 -9.44 7.57 23.41
N GLU A 156 -10.46 7.58 22.56
CA GLU A 156 -11.52 8.58 22.53
C GLU A 156 -11.03 9.97 22.13
N LYS A 157 -9.83 10.09 21.55
CA LYS A 157 -9.27 11.39 21.20
C LYS A 157 -9.08 11.57 19.70
N PHE A 158 -9.59 10.65 18.89
CA PHE A 158 -9.46 10.74 17.44
C PHE A 158 -10.61 9.97 16.81
N ARG A 159 -10.89 10.29 15.55
CA ARG A 159 -11.91 9.59 14.79
C ARG A 159 -11.31 8.34 14.15
N LEU A 160 -11.98 7.20 14.34
CA LEU A 160 -11.54 5.97 13.70
C LEU A 160 -11.73 6.04 12.19
N TYR A 161 -11.05 5.16 11.48
CA TYR A 161 -11.10 5.14 10.02
C TYR A 161 -10.72 3.76 9.49
N SER B 5 -20.47 -4.13 -18.62
CA SER B 5 -19.64 -2.93 -18.47
C SER B 5 -18.26 -3.29 -17.92
N ASP B 6 -18.14 -4.47 -17.32
CA ASP B 6 -16.86 -4.94 -16.81
C ASP B 6 -15.79 -4.89 -17.89
N HIS B 7 -16.14 -5.36 -19.09
CA HIS B 7 -15.21 -5.35 -20.21
C HIS B 7 -14.73 -3.93 -20.52
N LYS B 8 -15.66 -2.97 -20.53
CA LYS B 8 -15.31 -1.59 -20.89
C LYS B 8 -14.27 -1.03 -19.92
N PHE B 9 -14.51 -1.14 -18.63
CA PHE B 9 -13.62 -0.52 -17.65
C PHE B 9 -12.31 -1.30 -17.51
N LEU B 10 -12.35 -2.63 -17.68
CA LEU B 10 -11.10 -3.39 -17.68
C LEU B 10 -10.23 -3.00 -18.87
N THR B 11 -10.83 -2.87 -20.05
CA THR B 11 -10.05 -2.43 -21.21
C THR B 11 -9.58 -1.00 -21.06
N GLN B 12 -10.33 -0.15 -20.36
CA GLN B 12 -9.84 1.20 -20.08
C GLN B 12 -8.62 1.14 -19.17
N ALA B 13 -8.62 0.26 -18.17
CA ALA B 13 -7.44 0.11 -17.32
C ALA B 13 -6.24 -0.39 -18.14
N VAL B 14 -6.49 -1.29 -19.08
CA VAL B 14 -5.42 -1.76 -19.97
C VAL B 14 -4.87 -0.61 -20.79
N GLU B 15 -5.77 0.23 -21.32
CA GLU B 15 -5.34 1.42 -22.06
C GLU B 15 -4.51 2.34 -21.18
N GLU B 16 -4.89 2.48 -19.91
CA GLU B 16 -4.11 3.29 -18.98
C GLU B 16 -2.72 2.72 -18.78
N ALA B 17 -2.61 1.39 -18.70
CA ALA B 17 -1.30 0.76 -18.60
C ALA B 17 -0.43 1.11 -19.80
N TYR B 18 -0.99 0.96 -21.00
CA TYR B 18 -0.23 1.28 -22.22
C TYR B 18 0.19 2.75 -22.24
N LYS B 19 -0.76 3.65 -21.95
CA LYS B 19 -0.48 5.08 -21.92
C LYS B 19 0.63 5.41 -20.93
N GLY B 20 0.55 4.85 -19.73
CA GLY B 20 1.51 5.18 -18.69
C GLY B 20 2.90 4.68 -19.02
N VAL B 21 3.02 3.47 -19.56
CA VAL B 21 4.35 3.00 -19.91
C VAL B 21 4.87 3.69 -21.16
N ASP B 22 4.00 4.24 -22.00
CA ASP B 22 4.48 4.97 -23.17
C ASP B 22 5.02 6.34 -22.78
N CYS B 23 4.31 7.05 -21.91
CA CYS B 23 4.78 8.36 -21.49
C CYS B 23 5.83 8.31 -20.38
N GLY B 24 6.20 7.11 -19.93
CA GLY B 24 7.28 6.99 -18.95
C GLY B 24 6.88 7.25 -17.51
N ASP B 25 5.58 7.28 -17.22
CA ASP B 25 5.15 7.50 -15.83
C ASP B 25 5.53 6.32 -14.95
N GLY B 26 5.45 5.11 -15.47
CA GLY B 26 5.78 3.94 -14.70
C GLY B 26 5.57 2.68 -15.52
N GLY B 27 5.47 1.56 -14.82
CA GLY B 27 5.28 0.27 -15.46
C GLY B 27 3.94 0.16 -16.14
N PRO B 28 3.75 -0.90 -16.93
CA PRO B 28 2.48 -1.10 -17.65
C PRO B 28 1.37 -1.65 -16.75
N PHE B 29 0.86 -0.79 -15.89
CA PHE B 29 -0.23 -1.15 -14.98
C PHE B 29 -1.24 -0.02 -14.93
N GLY B 30 -2.53 -0.37 -15.05
CA GLY B 30 -3.59 0.61 -15.00
C GLY B 30 -4.65 0.21 -13.99
N ALA B 31 -5.41 1.22 -13.55
CA ALA B 31 -6.49 1.01 -12.62
C ALA B 31 -7.56 2.06 -12.85
N VAL B 32 -8.83 1.63 -12.83
CA VAL B 32 -9.97 2.51 -13.01
C VAL B 32 -10.95 2.26 -11.88
N ILE B 33 -11.38 3.33 -11.22
CA ILE B 33 -12.36 3.26 -10.15
C ILE B 33 -13.66 3.87 -10.65
N VAL B 34 -14.74 3.09 -10.55
CA VAL B 34 -16.03 3.47 -11.13
C VAL B 34 -17.07 3.56 -10.02
N HIS B 35 -18.02 4.46 -10.20
CA HIS B 35 -19.15 4.64 -9.29
C HIS B 35 -20.44 4.49 -10.11
N ASN B 36 -20.98 3.27 -10.13
CA ASN B 36 -22.25 2.98 -10.81
C ASN B 36 -22.23 3.47 -12.25
N ASN B 37 -21.31 2.91 -13.04
CA ASN B 37 -21.08 3.20 -14.45
C ASN B 37 -20.44 4.57 -14.69
N GLU B 38 -20.09 5.30 -13.64
CA GLU B 38 -19.48 6.62 -13.77
C GLU B 38 -18.02 6.54 -13.35
N VAL B 39 -17.12 6.93 -14.25
CA VAL B 39 -15.69 6.85 -13.97
C VAL B 39 -15.30 7.94 -12.99
N VAL B 40 -14.76 7.53 -11.84
CA VAL B 40 -14.31 8.48 -10.83
C VAL B 40 -12.83 8.82 -11.02
N ALA B 41 -12.01 7.81 -11.30
CA ALA B 41 -10.58 8.03 -11.50
C ALA B 41 -10.06 7.00 -12.49
N SER B 42 -9.18 7.45 -13.39
CA SER B 42 -8.53 6.60 -14.38
C SER B 42 -7.04 6.89 -14.33
N CYS B 43 -6.26 5.95 -13.81
CA CYS B 43 -4.85 6.20 -13.53
C CYS B 43 -4.02 4.99 -13.94
N HIS B 44 -2.71 5.20 -13.96
CA HIS B 44 -1.72 4.15 -14.20
C HIS B 44 -0.61 4.30 -13.16
N ASN B 45 0.35 3.37 -13.22
CA ASN B 45 1.50 3.41 -12.32
C ASN B 45 2.28 4.71 -12.51
N MET B 46 2.49 5.44 -11.41
CA MET B 46 3.20 6.71 -11.43
C MET B 46 4.49 6.67 -10.62
N VAL B 47 5.08 5.49 -10.45
CA VAL B 47 6.22 5.35 -9.55
C VAL B 47 7.40 6.18 -10.04
N LEU B 48 7.67 6.15 -11.34
CA LEU B 48 8.81 6.89 -11.88
C LEU B 48 8.54 8.39 -11.93
N LYS B 49 7.33 8.78 -12.31
CA LYS B 49 7.00 10.20 -12.40
C LYS B 49 6.99 10.85 -11.02
N TYR B 50 6.44 10.17 -10.01
CA TYR B 50 6.28 10.73 -8.68
C TYR B 50 7.48 10.47 -7.77
N THR B 51 8.45 9.67 -8.20
CA THR B 51 9.52 9.19 -7.33
C THR B 51 8.93 8.57 -6.06
N ASP B 52 7.96 7.69 -6.26
CA ASP B 52 7.15 7.13 -5.19
C ASP B 52 6.91 5.65 -5.44
N PRO B 53 7.58 4.76 -4.72
CA PRO B 53 7.37 3.32 -4.93
C PRO B 53 5.99 2.83 -4.53
N THR B 54 5.23 3.62 -3.76
CA THR B 54 3.87 3.27 -3.43
C THR B 54 2.87 3.73 -4.48
N ALA B 55 3.31 4.46 -5.51
CA ALA B 55 2.41 5.03 -6.50
C ALA B 55 2.07 4.03 -7.59
N HIS B 56 1.67 2.82 -7.20
CA HIS B 56 1.11 1.89 -8.17
C HIS B 56 -0.21 2.45 -8.71
N ALA B 57 -0.70 1.83 -9.79
CA ALA B 57 -1.91 2.31 -10.43
C ALA B 57 -3.11 2.29 -9.48
N GLU B 58 -3.25 1.20 -8.72
CA GLU B 58 -4.39 1.07 -7.82
C GLU B 58 -4.34 2.11 -6.71
N VAL B 59 -3.17 2.30 -6.10
CA VAL B 59 -3.02 3.28 -5.03
C VAL B 59 -3.27 4.69 -5.55
N THR B 60 -2.73 5.00 -6.73
CA THR B 60 -2.95 6.32 -7.33
C THR B 60 -4.43 6.55 -7.60
N ALA B 61 -5.12 5.54 -8.14
CA ALA B 61 -6.55 5.67 -8.40
C ALA B 61 -7.33 5.88 -7.10
N ILE B 62 -6.96 5.15 -6.04
CA ILE B 62 -7.63 5.31 -4.76
C ILE B 62 -7.44 6.73 -4.23
N ARG B 63 -6.20 7.23 -4.27
CA ARG B 63 -5.92 8.58 -3.79
C ARG B 63 -6.73 9.62 -4.56
N GLU B 64 -6.72 9.53 -5.89
CA GLU B 64 -7.41 10.53 -6.70
C GLU B 64 -8.93 10.45 -6.52
N ALA B 65 -9.48 9.22 -6.44
CA ALA B 65 -10.91 9.08 -6.23
C ALA B 65 -11.33 9.61 -4.87
N CYS B 66 -10.53 9.33 -3.84
CA CYS B 66 -10.87 9.81 -2.50
C CYS B 66 -10.81 11.33 -2.44
N LYS B 67 -9.83 11.94 -3.10
CA LYS B 67 -9.79 13.41 -3.10
C LYS B 67 -10.93 14.00 -3.91
N LYS B 68 -11.30 13.36 -5.02
CA LYS B 68 -12.39 13.87 -5.86
C LYS B 68 -13.73 13.76 -5.15
N LEU B 69 -13.94 12.69 -4.38
CA LEU B 69 -15.21 12.46 -3.73
C LEU B 69 -15.26 13.03 -2.30
N ASN B 70 -14.17 13.63 -1.83
CA ASN B 70 -14.13 14.26 -0.51
C ASN B 70 -14.46 13.27 0.62
N LYS B 71 -14.01 12.03 0.45
CA LYS B 71 -14.25 11.01 1.45
C LYS B 71 -13.16 9.95 1.36
N ILE B 72 -12.84 9.34 2.51
CA ILE B 72 -11.78 8.35 2.57
C ILE B 72 -12.26 6.93 2.26
N GLU B 73 -13.57 6.74 2.10
CA GLU B 73 -14.12 5.44 1.78
C GLU B 73 -14.77 5.46 0.41
N LEU B 74 -14.68 4.33 -0.29
CA LEU B 74 -15.23 4.21 -1.63
C LEU B 74 -16.22 3.04 -1.67
N SER B 75 -17.15 3.02 -0.71
CA SER B 75 -18.04 1.88 -0.54
C SER B 75 -18.94 1.66 -1.75
N GLU B 76 -19.29 2.73 -2.44
CA GLU B 76 -20.15 2.63 -3.62
C GLU B 76 -19.36 2.39 -4.90
N CYS B 77 -18.05 2.26 -4.82
CA CYS B 77 -17.18 2.20 -5.99
C CYS B 77 -16.59 0.80 -6.17
N GLU B 78 -16.23 0.52 -7.42
CA GLU B 78 -15.52 -0.70 -7.79
C GLU B 78 -14.23 -0.31 -8.50
N ILE B 79 -13.22 -1.18 -8.40
CA ILE B 79 -11.92 -0.92 -8.98
C ILE B 79 -11.62 -1.98 -10.04
N TYR B 80 -11.14 -1.52 -11.19
CA TYR B 80 -10.70 -2.40 -12.27
C TYR B 80 -9.18 -2.25 -12.41
N ALA B 81 -8.46 -3.34 -12.21
CA ALA B 81 -7.00 -3.35 -12.31
C ALA B 81 -6.58 -4.16 -13.53
N SER B 82 -5.70 -3.57 -14.34
CA SER B 82 -5.22 -4.29 -15.52
C SER B 82 -4.44 -5.54 -15.14
N CYS B 83 -3.78 -5.52 -13.97
CA CYS B 83 -3.03 -6.66 -13.49
C CYS B 83 -3.38 -6.91 -12.03
N GLU B 84 -3.29 -8.18 -11.62
CA GLU B 84 -3.62 -8.63 -10.27
C GLU B 84 -2.94 -7.75 -9.23
N PRO B 85 -3.69 -7.13 -8.33
CA PRO B 85 -3.08 -6.20 -7.37
C PRO B 85 -2.06 -6.88 -6.46
N CYS B 86 -0.98 -6.14 -6.18
CA CYS B 86 0.08 -6.61 -5.30
C CYS B 86 -0.42 -6.61 -3.86
N PRO B 87 0.37 -7.16 -2.91
CA PRO B 87 -0.03 -7.07 -1.50
C PRO B 87 -0.29 -5.65 -1.01
N MET B 88 0.58 -4.70 -1.37
CA MET B 88 0.37 -3.32 -0.94
C MET B 88 -0.93 -2.77 -1.50
N CYS B 89 -1.19 -3.00 -2.79
CA CYS B 89 -2.39 -2.44 -3.42
C CYS B 89 -3.64 -3.17 -2.94
N PHE B 90 -3.55 -4.47 -2.70
CA PHE B 90 -4.71 -5.16 -2.15
C PHE B 90 -5.03 -4.66 -0.75
N GLY B 91 -4.01 -4.39 0.06
CA GLY B 91 -4.25 -3.78 1.36
C GLY B 91 -4.86 -2.40 1.24
N ALA B 92 -4.38 -1.60 0.28
CA ALA B 92 -4.97 -0.28 0.05
C ALA B 92 -6.43 -0.40 -0.37
N ILE B 93 -6.74 -1.39 -1.20
CA ILE B 93 -8.12 -1.62 -1.64
C ILE B 93 -8.99 -2.00 -0.45
N HIS B 94 -8.48 -2.86 0.42
CA HIS B 94 -9.20 -3.19 1.65
C HIS B 94 -9.47 -1.94 2.48
N LEU B 95 -8.44 -1.13 2.71
CA LEU B 95 -8.59 0.06 3.55
C LEU B 95 -9.54 1.08 2.93
N SER B 96 -9.63 1.13 1.60
CA SER B 96 -10.47 2.09 0.91
C SER B 96 -11.95 1.74 0.95
N ARG B 97 -12.30 0.54 1.43
CA ARG B 97 -13.68 0.04 1.48
C ARG B 97 -14.31 -0.08 0.10
N LEU B 98 -13.50 -0.18 -0.96
CA LEU B 98 -14.03 -0.52 -2.27
C LEU B 98 -14.82 -1.83 -2.17
N LYS B 99 -15.94 -1.90 -2.87
CA LYS B 99 -16.84 -3.03 -2.70
C LYS B 99 -16.59 -4.17 -3.68
N ARG B 100 -15.80 -3.95 -4.74
CA ARG B 100 -15.57 -4.98 -5.72
C ARG B 100 -14.28 -4.69 -6.48
N LEU B 101 -13.57 -5.76 -6.83
CA LEU B 101 -12.34 -5.67 -7.62
C LEU B 101 -12.41 -6.62 -8.80
N VAL B 102 -12.13 -6.10 -9.99
CA VAL B 102 -12.00 -6.88 -11.20
C VAL B 102 -10.60 -6.66 -11.74
N TYR B 103 -9.84 -7.74 -11.91
CA TYR B 103 -8.49 -7.63 -12.43
C TYR B 103 -8.34 -8.52 -13.66
N GLY B 104 -7.53 -8.06 -14.60
CA GLY B 104 -7.39 -8.73 -15.89
C GLY B 104 -6.39 -9.86 -15.90
N ALA B 105 -5.11 -9.53 -15.75
CA ALA B 105 -4.03 -10.49 -15.88
C ALA B 105 -3.59 -11.00 -14.52
N LYS B 106 -3.22 -12.29 -14.48
CA LYS B 106 -2.58 -12.89 -13.32
C LYS B 106 -1.21 -12.24 -13.09
N ALA B 107 -0.76 -12.25 -11.84
CA ALA B 107 0.55 -11.68 -11.53
C ALA B 107 1.66 -12.37 -12.30
N GLU B 108 1.46 -13.65 -12.67
CA GLU B 108 2.48 -14.39 -13.41
C GLU B 108 2.78 -13.74 -14.76
N ALA B 109 1.78 -13.10 -15.38
CA ALA B 109 2.02 -12.42 -16.65
C ALA B 109 3.00 -11.27 -16.49
N ALA B 110 2.96 -10.57 -15.35
CA ALA B 110 3.94 -9.53 -15.07
C ALA B 110 5.28 -10.13 -14.68
N ILE B 111 5.26 -11.20 -13.88
CA ILE B 111 6.49 -11.85 -13.45
C ILE B 111 7.26 -12.40 -14.65
N ALA B 112 6.56 -12.75 -15.72
CA ALA B 112 7.20 -13.37 -16.87
C ALA B 112 8.20 -12.43 -17.55
N ILE B 113 7.99 -11.12 -17.46
CA ILE B 113 8.87 -10.16 -18.11
C ILE B 113 9.80 -9.46 -17.11
N GLY B 114 9.88 -9.96 -15.88
CA GLY B 114 10.90 -9.50 -14.95
C GLY B 114 10.39 -8.82 -13.70
N PHE B 115 9.10 -8.72 -13.45
CA PHE B 115 8.63 -8.09 -12.23
C PHE B 115 8.65 -9.08 -11.07
N ASP B 116 8.75 -8.53 -9.86
CA ASP B 116 8.95 -9.35 -8.66
C ASP B 116 7.77 -10.28 -8.42
N ASP B 117 8.06 -11.45 -7.86
CA ASP B 117 7.02 -12.42 -7.48
C ASP B 117 6.36 -11.96 -6.17
N PHE B 118 5.73 -10.81 -6.25
CA PHE B 118 5.16 -10.08 -5.11
C PHE B 118 3.64 -10.23 -5.19
N ILE B 119 3.12 -11.28 -4.56
CA ILE B 119 1.73 -11.70 -4.75
C ILE B 119 1.01 -11.67 -3.41
N ALA B 120 -0.23 -11.20 -3.42
CA ALA B 120 -1.01 -11.00 -2.19
C ALA B 120 -1.66 -12.31 -1.76
N ASP B 121 -1.29 -12.77 -0.56
CA ASP B 121 -1.90 -14.00 -0.02
C ASP B 121 -3.39 -13.83 0.18
N ALA B 122 -3.84 -12.65 0.61
CA ALA B 122 -5.26 -12.45 0.88
C ALA B 122 -6.10 -12.48 -0.38
N LEU B 123 -5.53 -12.07 -1.52
CA LEU B 123 -6.28 -12.15 -2.77
C LEU B 123 -6.47 -13.60 -3.20
N ARG B 124 -5.43 -14.41 -3.07
CA ARG B 124 -5.47 -15.80 -3.50
C ARG B 124 -5.94 -16.74 -2.39
N GLY B 125 -6.30 -16.21 -1.23
CA GLY B 125 -6.84 -17.02 -0.15
C GLY B 125 -5.84 -17.98 0.47
N THR B 126 -4.59 -17.56 0.64
CA THR B 126 -3.53 -18.42 1.13
C THR B 126 -2.97 -17.95 2.47
N GLY B 127 -3.68 -17.05 3.16
CA GLY B 127 -3.17 -16.46 4.37
C GLY B 127 -3.68 -17.13 5.64
N VAL B 128 -2.96 -16.88 6.73
CA VAL B 128 -3.40 -17.27 8.06
C VAL B 128 -4.12 -16.14 8.77
N TYR B 129 -3.56 -14.93 8.71
CA TYR B 129 -4.09 -13.78 9.42
C TYR B 129 -5.01 -12.93 8.54
N GLN B 130 -4.57 -12.61 7.32
CA GLN B 130 -5.30 -11.69 6.46
C GLN B 130 -6.25 -12.46 5.55
N LYS B 131 -7.52 -12.08 5.58
CA LYS B 131 -8.53 -12.54 4.63
C LYS B 131 -9.09 -11.32 3.90
N SER B 132 -9.86 -11.56 2.84
CA SER B 132 -10.43 -10.46 2.08
C SER B 132 -11.91 -10.31 2.40
N SER B 133 -12.32 -9.06 2.61
CA SER B 133 -13.73 -8.71 2.60
C SER B 133 -14.30 -8.73 1.19
N LEU B 134 -13.44 -8.51 0.20
CA LEU B 134 -13.83 -7.99 -1.10
C LEU B 134 -14.42 -9.06 -1.99
N GLU B 135 -15.42 -8.66 -2.79
CA GLU B 135 -15.82 -9.44 -3.95
C GLU B 135 -14.74 -9.29 -5.02
N ILE B 136 -14.13 -10.41 -5.41
CA ILE B 136 -13.01 -10.41 -6.35
C ILE B 136 -13.43 -11.20 -7.57
N LYS B 137 -13.38 -10.57 -8.73
CA LYS B 137 -13.65 -11.23 -10.01
C LYS B 137 -12.38 -11.23 -10.83
N LYS B 138 -11.89 -12.43 -11.14
CA LYS B 138 -10.82 -12.57 -12.11
C LYS B 138 -11.43 -12.64 -13.51
N ALA B 139 -10.97 -11.75 -14.39
CA ALA B 139 -11.55 -11.66 -15.72
C ALA B 139 -11.23 -12.89 -16.55
N ASP B 140 -12.16 -13.26 -17.42
N ASP B 140 -12.15 -13.24 -17.43
CA ASP B 140 -11.97 -14.36 -18.36
CA ASP B 140 -11.98 -14.36 -18.36
C ASP B 140 -12.22 -13.87 -19.78
C ASP B 140 -12.27 -13.88 -19.78
N GLY B 141 -11.97 -14.75 -20.74
CA GLY B 141 -12.29 -14.44 -22.13
C GLY B 141 -11.45 -13.32 -22.71
N ASN B 142 -12.11 -12.47 -23.50
CA ASN B 142 -11.40 -11.49 -24.32
C ASN B 142 -10.70 -10.44 -23.46
N GLY B 143 -11.37 -9.97 -22.41
CA GLY B 143 -10.73 -9.00 -21.52
C GLY B 143 -9.48 -9.56 -20.88
N ALA B 144 -9.56 -10.80 -20.38
CA ALA B 144 -8.39 -11.45 -19.81
C ALA B 144 -7.26 -11.57 -20.84
N ALA B 145 -7.60 -11.93 -22.08
CA ALA B 145 -6.57 -12.07 -23.11
C ALA B 145 -5.86 -10.74 -23.36
N ILE B 146 -6.63 -9.67 -23.50
CA ILE B 146 -6.05 -8.34 -23.72
C ILE B 146 -5.10 -7.97 -22.58
N ALA B 147 -5.60 -8.09 -21.34
CA ALA B 147 -4.79 -7.73 -20.18
C ALA B 147 -3.52 -8.56 -20.10
N GLU B 148 -3.63 -9.87 -20.34
CA GLU B 148 -2.47 -10.75 -20.29
C GLU B 148 -1.41 -10.34 -21.30
N GLN B 149 -1.85 -9.99 -22.52
CA GLN B 149 -0.91 -9.70 -23.59
C GLN B 149 -0.21 -8.36 -23.39
N VAL B 150 -0.76 -7.47 -22.56
CA VAL B 150 -0.08 -6.23 -22.21
C VAL B 150 1.43 -6.35 -22.01
N PHE B 151 1.87 -7.34 -21.21
CA PHE B 151 3.28 -7.35 -20.80
C PHE B 151 4.22 -7.79 -21.91
N GLN B 152 3.83 -8.82 -22.67
CA GLN B 152 4.66 -9.20 -23.81
C GLN B 152 4.66 -8.13 -24.89
N ASN B 153 3.56 -7.39 -25.03
CA ASN B 153 3.53 -6.30 -26.01
C ASN B 153 4.52 -5.21 -25.63
N THR B 154 4.54 -4.83 -24.34
CA THR B 154 5.44 -3.77 -23.91
C THR B 154 6.90 -4.17 -24.09
N LYS B 155 7.22 -5.43 -23.77
CA LYS B 155 8.59 -5.90 -23.97
C LYS B 155 8.98 -5.85 -25.43
N GLU B 156 8.07 -6.24 -26.33
CA GLU B 156 8.32 -6.12 -27.75
C GLU B 156 8.63 -4.67 -28.14
N LYS B 157 7.82 -3.74 -27.65
CA LYS B 157 7.98 -2.33 -28.01
C LYS B 157 9.38 -1.81 -27.71
N PHE B 158 9.95 -2.21 -26.58
CA PHE B 158 11.24 -1.69 -26.15
C PHE B 158 12.40 -2.63 -26.43
N ARG B 159 12.16 -3.73 -27.16
CA ARG B 159 13.20 -4.74 -27.43
C ARG B 159 14.47 -4.14 -28.01
N LEU B 160 14.36 -3.38 -29.10
CA LEU B 160 15.51 -2.87 -29.81
C LEU B 160 16.01 -1.53 -29.26
N TYR B 161 15.46 -1.05 -28.15
CA TYR B 161 15.85 0.24 -27.60
C TYR B 161 17.21 0.15 -26.92
O6 4UO C . -1.00 4.56 10.04
C6 4UO C . -1.24 3.40 10.10
N1 4UO C . -0.23 2.45 9.71
C2 4UO C . -0.53 1.03 9.78
O2 4UO C . 0.29 0.24 9.46
N3 4UO C . -1.85 0.58 10.26
C4 4UO C . -2.89 1.58 10.66
C5 4UO C . -2.61 2.92 10.58
N7 4UO C . -3.68 3.59 10.98
C8 4UO C . -4.65 2.70 11.32
N9 4UO C . -4.15 1.45 11.12
C1' 4UO C . -4.90 0.22 11.37
O4' 4UO C . -4.47 -0.32 12.60
C4' 4UO C . -4.61 -1.76 12.58
C5' 4UO C . -3.32 -2.40 13.05
O5' 4UO C . -2.33 -2.38 12.03
C3' 4UO C . -5.06 -2.13 11.16
O3' 4UO C . -6.47 -2.28 11.13
C2' 4UO C . -4.66 -0.89 10.35
O2' 4UO C . -5.42 -0.69 9.18
ZN ZN D . -0.64 0.59 7.29
ZN ZN E . 0.56 -2.74 -6.31
#